data_5AAP
#
_entry.id   5AAP
#
_cell.length_a   31.180
_cell.length_b   41.710
_cell.length_c   97.210
_cell.angle_alpha   90.00
_cell.angle_beta   90.00
_cell.angle_gamma   90.00
#
_symmetry.space_group_name_H-M   'P 21 21 21'
#
loop_
_entity.id
_entity.type
_entity.pdbx_description
1 polymer FIMH
2 non-polymer 'PARA-BIPHENYL METHYLENE C-LINKED MANNOSIDE'
3 non-polymer 1,2-ETHANEDIOL
4 non-polymer GLYCEROL
5 water water
#
_entity_poly.entity_id   1
_entity_poly.type   'polypeptide(L)'
_entity_poly.pdbx_seq_one_letter_code
;FACKTANGTAIPIGGGSANVYVNLAPVVNVGQNLVVDLSTQIFCHNDYPETITDYVTLQRGSAYGGVLSNFSGTVKYSGS
SYPFPTTSETPRVVYNSRTDKPWPVALYLTPVSSAGGVAIKAGSLIAVLILRQTNNYNSDDFQFVWNIYANNDVVVPT
;
_entity_poly.pdbx_strand_id   A
#
loop_
_chem_comp.id
_chem_comp.type
_chem_comp.name
_chem_comp.formula
EDO non-polymer 1,2-ETHANEDIOL 'C2 H6 O2'
GOL non-polymer GLYCEROL 'C3 H8 O3'
VNY non-polymer 'PARA-BIPHENYL METHYLENE C-LINKED MANNOSIDE' 'C21 H24 O5'
#
# COMPACT_ATOMS: atom_id res chain seq x y z
N PHE A 1 -9.63 16.29 -2.75
CA PHE A 1 -9.17 14.92 -2.43
C PHE A 1 -7.83 15.00 -1.73
N ALA A 2 -7.74 14.36 -0.58
CA ALA A 2 -6.51 14.30 0.21
C ALA A 2 -6.50 13.02 1.00
N CYS A 3 -5.34 12.68 1.53
CA CYS A 3 -5.15 11.43 2.26
CA CYS A 3 -5.23 11.46 2.32
C CYS A 3 -4.37 11.66 3.55
N LYS A 4 -4.43 10.68 4.43
CA LYS A 4 -3.63 10.71 5.64
C LYS A 4 -3.35 9.29 6.11
N THR A 5 -2.29 9.16 6.87
CA THR A 5 -2.02 7.89 7.53
C THR A 5 -2.79 7.80 8.84
N ALA A 6 -2.76 6.62 9.44
CA ALA A 6 -3.47 6.36 10.68
C ALA A 6 -2.98 7.26 11.79
N ASN A 7 -1.67 7.50 11.82
CA ASN A 7 -1.08 8.36 12.84
C ASN A 7 -1.22 9.84 12.50
N GLY A 8 -1.88 10.15 11.38
CA GLY A 8 -2.23 11.52 11.03
C GLY A 8 -1.34 12.24 10.01
N THR A 9 -0.37 11.53 9.44
CA THR A 9 0.53 12.13 8.44
C THR A 9 -0.24 12.38 7.16
N ALA A 10 -0.34 13.64 6.73
CA ALA A 10 -1.23 14.00 5.62
C ALA A 10 -0.50 14.31 4.34
N ILE A 11 -1.17 14.01 3.23
CA ILE A 11 -0.77 14.47 1.91
C ILE A 11 -1.97 15.27 1.38
N PRO A 12 -1.77 16.55 1.07
CA PRO A 12 -2.91 17.40 0.74
C PRO A 12 -3.35 17.32 -0.73
N ILE A 13 -4.35 18.10 -1.07
CA ILE A 13 -4.78 18.31 -2.43
C ILE A 13 -3.57 18.53 -3.31
N GLY A 14 -3.54 17.82 -4.43
CA GLY A 14 -2.45 17.91 -5.38
C GLY A 14 -1.41 16.80 -5.27
N GLY A 15 -1.52 15.98 -4.24
CA GLY A 15 -0.61 14.87 -4.06
C GLY A 15 0.68 15.23 -3.33
N GLY A 16 1.61 14.29 -3.31
CA GLY A 16 2.83 14.44 -2.54
C GLY A 16 3.29 13.08 -2.05
N SER A 17 3.93 13.08 -0.89
CA SER A 17 4.63 11.91 -0.40
C SER A 17 4.50 11.80 1.12
N ALA A 18 4.56 10.56 1.60
CA ALA A 18 4.56 10.31 3.04
C ALA A 18 5.13 8.93 3.33
N ASN A 19 5.64 8.79 4.54
CA ASN A 19 6.15 7.53 5.05
C ASN A 19 5.11 6.86 5.95
N VAL A 20 5.07 5.54 5.89
CA VAL A 20 4.14 4.71 6.66
C VAL A 20 4.94 3.65 7.37
N TYR A 21 4.69 3.49 8.67
CA TYR A 21 5.45 2.58 9.54
C TYR A 21 4.53 1.48 10.04
N VAL A 22 4.86 0.22 9.75
CA VAL A 22 3.96 -0.89 10.02
C VAL A 22 4.61 -1.98 10.86
N ASN A 23 3.82 -2.54 11.76
CA ASN A 23 4.20 -3.72 12.52
C ASN A 23 3.98 -4.96 11.69
N LEU A 24 4.93 -5.88 11.75
CA LEU A 24 4.92 -7.09 10.94
C LEU A 24 5.00 -8.31 11.83
N ALA A 25 4.34 -9.39 11.43
CA ALA A 25 4.49 -10.65 12.15
C ALA A 25 5.97 -10.99 12.25
N PRO A 26 6.48 -11.31 13.45
CA PRO A 26 7.93 -11.48 13.57
C PRO A 26 8.51 -12.78 13.06
N VAL A 27 7.66 -13.80 12.92
CA VAL A 27 8.06 -15.09 12.40
C VAL A 27 7.10 -15.48 11.31
N VAL A 28 7.64 -15.88 10.17
CA VAL A 28 6.82 -16.39 9.09
CA VAL A 28 6.85 -16.34 9.04
C VAL A 28 7.52 -17.56 8.44
N ASN A 29 6.78 -18.65 8.30
CA ASN A 29 7.34 -19.87 7.73
C ASN A 29 7.02 -20.03 6.27
N VAL A 30 7.75 -20.89 5.59
CA VAL A 30 7.40 -21.25 4.24
C VAL A 30 5.94 -21.74 4.22
N GLY A 31 5.19 -21.32 3.21
CA GLY A 31 3.79 -21.70 3.06
C GLY A 31 2.81 -20.79 3.73
N GLN A 32 3.34 -19.74 4.36
CA GLN A 32 2.53 -18.75 5.06
C GLN A 32 2.78 -17.41 4.42
N ASN A 33 1.79 -16.53 4.54
CA ASN A 33 1.94 -15.17 4.08
C ASN A 33 2.30 -14.23 5.21
N LEU A 34 3.18 -13.29 4.90
CA LEU A 34 3.30 -12.08 5.69
C LEU A 34 2.31 -11.11 5.10
N VAL A 35 1.36 -10.66 5.91
CA VAL A 35 0.31 -9.77 5.43
C VAL A 35 0.64 -8.34 5.86
N VAL A 36 0.65 -7.42 4.91
CA VAL A 36 0.82 -6.01 5.22
C VAL A 36 -0.47 -5.30 4.81
N ASP A 37 -1.35 -5.06 5.78
CA ASP A 37 -2.68 -4.56 5.50
C ASP A 37 -2.62 -3.04 5.58
N LEU A 38 -2.60 -2.36 4.43
CA LEU A 38 -2.53 -0.90 4.40
CA LEU A 38 -2.53 -0.90 4.46
C LEU A 38 -3.89 -0.24 4.55
N SER A 39 -4.97 -1.04 4.52
CA SER A 39 -6.31 -0.47 4.65
C SER A 39 -6.53 0.04 6.07
N THR A 40 -5.66 -0.31 7.01
CA THR A 40 -5.73 0.25 8.36
C THR A 40 -4.74 1.40 8.54
N GLN A 41 -4.00 1.73 7.48
CA GLN A 41 -2.90 2.67 7.56
C GLN A 41 -3.03 3.93 6.69
N ILE A 42 -3.80 3.85 5.62
CA ILE A 42 -3.89 4.95 4.65
C ILE A 42 -5.37 5.19 4.37
N PHE A 43 -5.78 6.45 4.48
CA PHE A 43 -7.18 6.85 4.37
C PHE A 43 -7.26 8.08 3.50
N CYS A 44 -8.35 8.20 2.74
CA CYS A 44 -8.55 9.34 1.85
CA CYS A 44 -8.55 9.36 1.88
C CYS A 44 -10.01 9.78 1.85
N HIS A 45 -10.25 10.99 1.38
CA HIS A 45 -11.60 11.50 1.24
C HIS A 45 -11.70 12.46 0.07
N ASN A 46 -12.94 12.68 -0.36
CA ASN A 46 -13.32 13.57 -1.44
C ASN A 46 -13.74 14.90 -0.81
N ASP A 47 -13.18 16.02 -1.29
CA ASP A 47 -13.47 17.35 -0.74
C ASP A 47 -14.68 18.07 -1.33
N TYR A 48 -15.33 17.50 -2.34
CA TYR A 48 -16.46 18.17 -3.01
C TYR A 48 -17.43 17.15 -3.60
N PRO A 49 -17.92 16.21 -2.78
CA PRO A 49 -18.76 15.14 -3.32
C PRO A 49 -20.11 15.61 -3.84
N GLU A 50 -20.52 16.82 -3.49
CA GLU A 50 -21.74 17.40 -4.06
C GLU A 50 -21.67 17.47 -5.57
N THR A 51 -20.47 17.63 -6.12
CA THR A 51 -20.27 17.98 -7.53
C THR A 51 -19.28 17.05 -8.23
N ILE A 52 -18.34 16.46 -7.48
CA ILE A 52 -17.23 15.71 -8.05
C ILE A 52 -17.17 14.32 -7.44
N THR A 53 -16.85 13.33 -8.28
CA THR A 53 -16.51 11.99 -7.83
C THR A 53 -15.02 11.77 -8.15
N ASP A 54 -14.28 11.27 -7.17
CA ASP A 54 -12.88 10.95 -7.32
C ASP A 54 -12.69 9.48 -7.63
N TYR A 55 -11.65 9.18 -8.40
CA TYR A 55 -11.30 7.81 -8.77
C TYR A 55 -9.88 7.54 -8.38
N VAL A 56 -9.62 6.39 -7.75
CA VAL A 56 -8.32 6.12 -7.17
C VAL A 56 -7.83 4.74 -7.53
N THR A 57 -6.61 4.68 -8.07
CA THR A 57 -5.97 3.44 -8.42
C THR A 57 -4.68 3.27 -7.65
N LEU A 58 -4.18 2.04 -7.60
CA LEU A 58 -2.78 1.78 -7.37
C LEU A 58 -2.16 1.83 -8.76
N GLN A 59 -1.46 2.92 -9.09
CA GLN A 59 -0.91 3.06 -10.42
C GLN A 59 0.24 2.09 -10.61
N ARG A 60 1.04 1.95 -9.57
CA ARG A 60 2.13 0.98 -9.56
C ARG A 60 2.59 0.81 -8.13
N GLY A 61 3.19 -0.34 -7.87
CA GLY A 61 3.78 -0.64 -6.58
C GLY A 61 5.01 -1.47 -6.79
N SER A 62 6.03 -1.18 -6.01
CA SER A 62 7.31 -1.86 -6.11
CA SER A 62 7.28 -1.91 -6.11
C SER A 62 7.76 -2.36 -4.74
N ALA A 63 8.52 -3.44 -4.76
CA ALA A 63 9.08 -4.08 -3.58
C ALA A 63 10.57 -3.78 -3.48
N TYR A 64 11.07 -3.73 -2.25
CA TYR A 64 12.47 -3.37 -2.02
C TYR A 64 13.10 -4.26 -0.97
N GLY A 65 14.41 -4.21 -0.87
CA GLY A 65 15.14 -4.87 0.20
C GLY A 65 14.80 -6.33 0.35
N GLY A 66 14.58 -6.73 1.59
CA GLY A 66 14.32 -8.11 1.92
C GLY A 66 12.99 -8.58 1.40
N VAL A 67 12.07 -7.68 1.15
CA VAL A 67 10.77 -8.09 0.64
C VAL A 67 10.91 -8.64 -0.78
N LEU A 68 11.59 -7.90 -1.66
CA LEU A 68 11.81 -8.41 -3.02
C LEU A 68 12.70 -9.65 -3.03
N SER A 69 13.71 -9.71 -2.17
CA SER A 69 14.64 -10.84 -2.21
C SER A 69 14.04 -12.11 -1.67
N ASN A 70 13.24 -12.03 -0.60
CA ASN A 70 12.92 -13.20 0.20
C ASN A 70 11.50 -13.69 0.07
N PHE A 71 10.66 -12.99 -0.71
CA PHE A 71 9.25 -13.35 -0.81
C PHE A 71 8.74 -13.25 -2.23
N SER A 72 7.71 -14.03 -2.50
CA SER A 72 6.87 -13.93 -3.70
CA SER A 72 6.92 -13.86 -3.71
C SER A 72 5.64 -13.13 -3.29
N GLY A 73 5.31 -12.09 -4.04
CA GLY A 73 4.31 -11.15 -3.62
C GLY A 73 3.08 -11.07 -4.51
N THR A 74 1.96 -10.72 -3.87
CA THR A 74 0.76 -10.26 -4.55
C THR A 74 0.26 -9.04 -3.80
N VAL A 75 -0.46 -8.18 -4.50
CA VAL A 75 -1.16 -7.08 -3.84
C VAL A 75 -2.65 -7.30 -4.07
N LYS A 76 -3.44 -7.18 -3.02
CA LYS A 76 -4.88 -7.21 -3.15
C LYS A 76 -5.39 -5.78 -3.16
N TYR A 77 -6.17 -5.44 -4.18
CA TYR A 77 -6.80 -4.14 -4.32
C TYR A 77 -8.29 -4.40 -4.27
N SER A 78 -8.97 -3.85 -3.27
N SER A 78 -8.92 -3.86 -3.23
CA SER A 78 -10.39 -4.16 -3.02
CA SER A 78 -10.33 -4.11 -2.98
C SER A 78 -10.66 -5.64 -2.91
C SER A 78 -10.60 -5.61 -3.02
N GLY A 79 -9.69 -6.40 -2.44
CA GLY A 79 -9.91 -7.83 -2.26
C GLY A 79 -9.51 -8.71 -3.42
N SER A 80 -9.05 -8.12 -4.53
CA SER A 80 -8.64 -8.88 -5.72
C SER A 80 -7.13 -8.85 -5.86
N SER A 81 -6.55 -10.02 -6.20
CA SER A 81 -5.10 -10.17 -6.25
C SER A 81 -4.50 -9.83 -7.61
N TYR A 82 -3.36 -9.14 -7.55
CA TYR A 82 -2.56 -8.78 -8.72
C TYR A 82 -1.09 -9.06 -8.41
N PRO A 83 -0.26 -9.22 -9.46
CA PRO A 83 1.17 -9.36 -9.24
C PRO A 83 1.75 -8.18 -8.47
N PHE A 84 2.69 -8.48 -7.58
CA PHE A 84 3.45 -7.48 -6.84
C PHE A 84 4.91 -7.95 -6.80
N PRO A 85 5.85 -7.12 -7.29
CA PRO A 85 5.70 -5.79 -7.87
C PRO A 85 4.73 -5.77 -9.04
N THR A 86 4.05 -4.65 -9.17
CA THR A 86 2.99 -4.54 -10.14
C THR A 86 3.51 -4.47 -11.57
N THR A 87 2.65 -4.86 -12.50
CA THR A 87 2.96 -4.74 -13.92
C THR A 87 1.88 -4.00 -14.68
N SER A 88 0.81 -3.59 -13.99
CA SER A 88 -0.19 -2.74 -14.62
C SER A 88 -0.94 -1.98 -13.53
N GLU A 89 -1.78 -1.04 -13.95
CA GLU A 89 -2.61 -0.25 -13.04
C GLU A 89 -3.85 -1.02 -12.66
N THR A 90 -4.30 -0.87 -11.42
CA THR A 90 -5.51 -1.52 -10.96
C THR A 90 -6.78 -0.82 -11.44
N PRO A 91 -7.93 -1.46 -11.23
CA PRO A 91 -9.20 -0.76 -11.38
C PRO A 91 -9.30 0.44 -10.44
N ARG A 92 -10.28 1.30 -10.67
N ARG A 92 -10.27 1.30 -10.72
CA ARG A 92 -10.42 2.54 -9.92
CA ARG A 92 -10.53 2.52 -9.97
C ARG A 92 -11.52 2.45 -8.86
C ARG A 92 -11.47 2.25 -8.80
N VAL A 93 -11.16 2.85 -7.65
CA VAL A 93 -12.07 2.89 -6.52
C VAL A 93 -12.72 4.26 -6.49
N VAL A 94 -14.03 4.28 -6.31
CA VAL A 94 -14.79 5.50 -6.21
C VAL A 94 -14.66 6.08 -4.81
N TYR A 95 -14.26 7.34 -4.71
CA TYR A 95 -14.30 8.11 -3.45
C TYR A 95 -15.35 9.19 -3.65
N ASN A 96 -16.46 9.06 -2.92
CA ASN A 96 -17.61 9.95 -3.09
C ASN A 96 -18.09 10.52 -1.78
N SER A 97 -17.24 10.49 -0.76
CA SER A 97 -17.62 10.99 0.56
C SER A 97 -16.52 11.83 1.16
N ARG A 98 -16.94 12.81 1.95
CA ARG A 98 -16.01 13.63 2.70
C ARG A 98 -15.54 12.88 3.97
N THR A 99 -16.25 11.82 4.32
CA THR A 99 -15.82 10.97 5.42
CA THR A 99 -15.83 10.94 5.41
C THR A 99 -14.70 10.06 4.90
N ASP A 100 -13.55 10.09 5.58
CA ASP A 100 -12.39 9.28 5.18
C ASP A 100 -12.79 7.82 5.08
N LYS A 101 -12.27 7.14 4.07
CA LYS A 101 -12.35 5.69 4.05
C LYS A 101 -10.97 5.15 3.67
N PRO A 102 -10.74 3.89 3.98
CA PRO A 102 -9.42 3.33 3.70
C PRO A 102 -9.08 3.28 2.22
N TRP A 103 -7.79 3.26 1.94
CA TRP A 103 -7.30 2.86 0.64
C TRP A 103 -7.15 1.34 0.69
N PRO A 104 -7.90 0.61 -0.15
CA PRO A 104 -8.05 -0.82 0.12
C PRO A 104 -6.93 -1.66 -0.49
N VAL A 105 -5.73 -1.55 0.11
CA VAL A 105 -4.54 -2.22 -0.36
C VAL A 105 -3.94 -3.11 0.72
N ALA A 106 -3.59 -4.33 0.35
CA ALA A 106 -2.88 -5.20 1.27
C ALA A 106 -1.88 -6.02 0.49
N LEU A 107 -0.69 -6.18 1.04
CA LEU A 107 0.34 -7.02 0.44
C LEU A 107 0.35 -8.39 1.10
N TYR A 108 0.53 -9.42 0.28
CA TYR A 108 0.65 -10.81 0.71
C TYR A 108 1.98 -11.34 0.22
N LEU A 109 2.88 -11.64 1.15
CA LEU A 109 4.27 -11.94 0.84
C LEU A 109 4.60 -13.31 1.40
N THR A 110 4.92 -14.27 0.54
CA THR A 110 5.19 -15.62 1.02
C THR A 110 6.64 -16.02 0.73
N PRO A 111 7.32 -16.63 1.73
CA PRO A 111 8.75 -16.87 1.54
C PRO A 111 9.11 -17.76 0.36
N VAL A 112 10.19 -17.38 -0.32
CA VAL A 112 10.75 -18.22 -1.36
C VAL A 112 11.90 -19.04 -0.74
N SER A 113 12.42 -19.98 -1.51
CA SER A 113 13.37 -20.94 -0.95
C SER A 113 14.65 -20.31 -0.40
N SER A 114 15.06 -19.18 -0.97
CA SER A 114 16.28 -18.53 -0.49
C SER A 114 16.05 -17.71 0.79
N ALA A 115 14.81 -17.60 1.24
CA ALA A 115 14.56 -16.93 2.49
C ALA A 115 15.03 -17.86 3.62
N GLY A 116 15.66 -17.27 4.60
CA GLY A 116 16.05 -18.00 5.79
C GLY A 116 16.75 -16.95 6.60
N GLY A 117 16.45 -16.91 7.87
CA GLY A 117 17.06 -15.92 8.74
C GLY A 117 16.27 -14.64 8.74
N VAL A 118 16.95 -13.52 8.90
CA VAL A 118 16.28 -12.23 8.95
C VAL A 118 15.93 -11.86 7.51
N ALA A 119 14.65 -11.93 7.20
CA ALA A 119 14.16 -11.74 5.84
C ALA A 119 13.74 -10.30 5.57
N ILE A 120 13.37 -9.57 6.62
CA ILE A 120 13.08 -8.14 6.54
C ILE A 120 13.72 -7.51 7.76
N LYS A 121 14.54 -6.49 7.56
CA LYS A 121 15.18 -5.78 8.66
C LYS A 121 14.32 -4.64 9.20
N ALA A 122 14.27 -4.50 10.51
CA ALA A 122 13.61 -3.36 11.13
C ALA A 122 14.15 -2.09 10.50
N GLY A 123 13.24 -1.15 10.21
CA GLY A 123 13.61 0.13 9.65
C GLY A 123 13.68 0.14 8.13
N SER A 124 13.67 -1.03 7.50
CA SER A 124 13.90 -1.09 6.06
C SER A 124 12.64 -0.76 5.28
N LEU A 125 12.86 -0.29 4.07
CA LEU A 125 11.81 -0.07 3.10
C LEU A 125 11.27 -1.38 2.58
N ILE A 126 9.95 -1.50 2.67
N ILE A 126 9.96 -1.57 2.64
CA ILE A 126 9.20 -2.68 2.24
CA ILE A 126 9.13 -3.40 2.30
CA ILE A 126 9.41 -2.79 2.09
C ILE A 126 8.73 -2.49 0.80
C ILE A 126 8.70 -2.53 0.76
N ALA A 127 8.14 -1.34 0.57
CA ALA A 127 7.43 -1.07 -0.67
C ALA A 127 7.27 0.41 -0.89
N VAL A 128 7.12 0.79 -2.15
CA VAL A 128 6.66 2.12 -2.54
C VAL A 128 5.40 1.92 -3.35
N LEU A 129 4.32 2.55 -2.91
CA LEU A 129 3.01 2.39 -3.53
C LEU A 129 2.55 3.73 -4.02
N ILE A 130 2.13 3.81 -5.27
CA ILE A 130 1.69 5.08 -5.86
C ILE A 130 0.18 5.05 -6.05
N LEU A 131 -0.49 5.87 -5.26
CA LEU A 131 -1.92 6.08 -5.35
C LEU A 131 -2.15 7.19 -6.37
N ARG A 132 -2.95 6.93 -7.39
CA ARG A 132 -3.26 7.92 -8.41
C ARG A 132 -4.72 8.30 -8.29
N GLN A 133 -4.97 9.60 -8.22
CA GLN A 133 -6.31 10.15 -8.08
C GLN A 133 -6.66 10.99 -9.29
N THR A 134 -7.80 10.70 -9.89
CA THR A 134 -8.39 11.49 -10.96
C THR A 134 -9.84 11.77 -10.53
N ASN A 135 -10.64 12.35 -11.41
CA ASN A 135 -12.02 12.65 -11.05
C ASN A 135 -12.90 12.68 -12.30
N ASN A 136 -14.19 12.94 -12.11
CA ASN A 136 -15.14 12.96 -13.22
C ASN A 136 -15.52 14.39 -13.58
N TYR A 137 -14.70 15.34 -13.16
CA TYR A 137 -15.04 16.76 -13.23
C TYR A 137 -14.10 17.52 -14.16
N ASN A 138 -12.80 17.32 -14.00
CA ASN A 138 -11.82 18.01 -14.83
C ASN A 138 -10.63 17.07 -15.04
N SER A 139 -9.46 17.61 -15.32
CA SER A 139 -8.31 16.77 -15.66
C SER A 139 -7.35 16.51 -14.52
N ASP A 140 -7.73 16.86 -13.29
CA ASP A 140 -6.82 16.65 -12.16
C ASP A 140 -6.33 15.21 -12.15
N ASP A 141 -5.03 15.02 -11.97
CA ASP A 141 -4.39 13.72 -12.07
C ASP A 141 -3.19 13.80 -11.15
N PHE A 142 -3.35 13.29 -9.94
CA PHE A 142 -2.39 13.51 -8.86
C PHE A 142 -1.89 12.20 -8.27
N GLN A 143 -0.64 12.20 -7.85
CA GLN A 143 0.01 11.02 -7.29
C GLN A 143 0.34 11.26 -5.83
N PHE A 144 -0.02 10.26 -5.04
CA PHE A 144 0.19 10.23 -3.61
C PHE A 144 1.11 9.04 -3.38
N VAL A 145 2.36 9.30 -3.02
CA VAL A 145 3.40 8.28 -3.00
C VAL A 145 3.70 7.86 -1.58
N TRP A 146 3.55 6.58 -1.29
CA TRP A 146 3.66 6.07 0.06
C TRP A 146 4.86 5.14 0.17
N ASN A 147 5.81 5.50 1.03
CA ASN A 147 6.96 4.65 1.32
C ASN A 147 6.59 3.88 2.57
N ILE A 148 6.63 2.56 2.50
CA ILE A 148 6.21 1.69 3.58
C ILE A 148 7.45 1.07 4.25
N TYR A 149 7.57 1.25 5.57
CA TYR A 149 8.72 0.82 6.37
C TYR A 149 8.34 -0.20 7.43
N ALA A 150 9.23 -1.17 7.63
CA ALA A 150 9.07 -2.16 8.69
C ALA A 150 9.43 -1.60 10.07
N ASN A 151 8.56 -1.81 11.06
CA ASN A 151 8.89 -1.44 12.44
C ASN A 151 9.74 -2.49 13.14
N ASN A 152 9.86 -3.69 12.58
CA ASN A 152 10.54 -4.78 13.27
C ASN A 152 11.10 -5.77 12.28
N ASP A 153 12.09 -6.54 12.71
CA ASP A 153 12.61 -7.65 11.92
C ASP A 153 11.52 -8.71 11.69
N VAL A 154 11.61 -9.39 10.55
CA VAL A 154 10.83 -10.59 10.30
C VAL A 154 11.81 -11.72 10.02
N VAL A 155 11.66 -12.81 10.75
CA VAL A 155 12.53 -13.98 10.63
C VAL A 155 11.79 -15.14 10.00
N VAL A 156 12.46 -15.77 9.05
CA VAL A 156 12.02 -17.02 8.46
C VAL A 156 12.89 -18.13 9.06
N PRO A 157 12.31 -18.99 9.90
CA PRO A 157 13.08 -20.10 10.48
C PRO A 157 13.66 -21.03 9.43
N THR A 158 14.81 -21.61 9.77
CA THR A 158 15.48 -22.56 8.90
C THR A 158 15.56 -23.96 9.51
O6 VNY B . -12.07 15.65 -3.95
C6 VNY B . -12.71 16.52 -4.88
C5 VNY B . -11.70 17.43 -5.54
O5 VNY B . -11.09 18.17 -4.49
C4 VNY B . -10.65 16.65 -6.34
O4 VNY B . -11.30 15.98 -7.43
C3 VNY B . -9.66 17.63 -6.91
O3 VNY B . -8.62 16.90 -7.57
C2 VNY B . -9.07 18.50 -5.80
O2 VNY B . -8.31 17.65 -4.92
C1 VNY B . -10.15 19.16 -4.94
C7 VNY B . -10.92 20.24 -5.69
C8 VNY B . -11.85 21.01 -5.07
C21 VNY B . -12.08 20.79 -3.62
C9 VNY B . -12.69 22.02 -5.82
C10 VNY B . -13.34 23.08 -5.17
C11 VNY B . -14.13 23.98 -5.88
C12 VNY B . -14.33 23.82 -7.23
C13 VNY B . -13.72 22.76 -7.88
C14 VNY B . -12.92 21.86 -7.19
C15 VNY B . -15.16 24.81 -7.98
C20 VNY B . -16.26 25.40 -7.38
C19 VNY B . -17.02 26.34 -8.07
C18 VNY B . -16.67 26.70 -9.37
C17 VNY B . -15.56 26.11 -9.97
C16 VNY B . -14.81 25.17 -9.27
H6 VNY B . -12.74 15.13 -3.47
H5 VNY B . -12.22 18.12 -6.22
H4 VNY B . -10.14 15.93 -5.69
H1 VNY B . -9.66 19.62 -4.06
HA VNY B . -10.64 15.55 -7.98
H3 VNY B . -10.17 18.29 -7.62
HB VNY B . -8.01 17.53 -8.00
H2 VNY B . -8.43 19.28 -6.23
HC VNY B . -7.86 18.18 -4.26
H7 VNY B . -10.76 20.35 -6.76
H211 VNY B . -12.47 19.82 -3.46
H212 VNY B . -11.16 20.89 -3.10
H213 VNY B . -12.77 21.51 -3.26
H10 VNY B . -13.20 23.22 -4.11
H14 VNY B . -12.45 21.04 -7.71
H11 VNY B . -14.60 24.80 -5.36
H13 VNY B . -13.84 22.62 -8.95
H20 VNY B . -16.55 25.13 -6.37
H16 VNY B . -13.94 24.72 -9.74
H19 VNY B . -17.88 26.79 -7.59
H18 VNY B . -17.27 27.43 -9.91
H17 VNY B . -15.29 26.38 -10.97
H61 VNY B . -13.46 17.14 -4.35
H62 VNY B . -13.23 15.94 -5.64
C1 EDO C . -8.61 15.69 -20.27
O1 EDO C . -8.45 14.56 -19.40
C2 EDO C . -9.90 16.43 -19.92
O2 EDO C . -10.30 16.07 -18.59
H11 EDO C . -8.65 15.36 -21.31
H12 EDO C . -7.75 16.37 -20.16
HO1 EDO C . -7.63 14.10 -19.63
H21 EDO C . -10.68 16.17 -20.63
H22 EDO C . -9.73 17.51 -19.98
HO2 EDO C . -11.12 16.54 -18.37
C1 GOL D . 3.30 19.68 -5.10
O1 GOL D . 4.01 20.78 -5.65
C2 GOL D . 3.83 18.43 -5.77
O2 GOL D . 3.43 18.43 -7.12
C3 GOL D . 3.30 17.19 -5.06
O3 GOL D . 4.05 16.09 -5.51
H11 GOL D . 2.23 19.79 -5.28
H12 GOL D . 3.47 19.64 -4.02
HO1 GOL D . 3.80 21.59 -5.15
H2 GOL D . 4.91 18.42 -5.70
HO2 GOL D . 2.45 18.47 -7.18
H31 GOL D . 2.25 17.04 -5.29
H32 GOL D . 3.41 17.29 -3.98
HO3 GOL D . 3.78 15.28 -5.02
#